data_1USF
#
_entry.id   1USF
#
_cell.length_a   70.684
_cell.length_b   77.718
_cell.length_c   63.748
_cell.angle_alpha   90.00
_cell.angle_beta   90.00
_cell.angle_gamma   90.00
#
_symmetry.space_group_name_H-M   'P 21 21 2'
#
loop_
_entity.id
_entity.type
_entity.pdbx_description
1 polymer 'PUTATIVE STYRENE MONOOXYGENASE SMALL COMPONENT'
2 non-polymer 'FLAVIN MONONUCLEOTIDE'
3 non-polymer 'NADP NICOTINAMIDE-ADENINE-DINUCLEOTIDE PHOSPHATE'
4 non-polymer GLYCEROL
5 water water
#
_entity_poly.entity_id   1
_entity_poly.type   'polypeptide(L)'
_entity_poly.pdbx_seq_one_letter_code
;MRSYRAQGPLPGFYHYYPGVPAVVGVRVEERVNFCPAVWNTGLSADPPLFGVSISPKRFTHGLLLKARRFSASFHPFGQK
DLVHWLGSHSGREVDKGQAPHFLGHTGVPILEGAYAAYELELLEVHTFGDHDLFVGRVVAVWEEEGLLDEKGRPKPGLAL
LYYGKGLYGRPAEETFAP
;
_entity_poly.pdbx_strand_id   A,B
#
# COMPACT_ATOMS: atom_id res chain seq x y z
N MET A 1 -1.65 -12.14 -23.35
CA MET A 1 -2.02 -11.18 -22.27
C MET A 1 -2.68 -9.95 -22.89
N ARG A 2 -3.92 -9.69 -22.47
CA ARG A 2 -4.67 -8.54 -22.98
C ARG A 2 -3.97 -7.24 -22.60
N SER A 3 -4.09 -6.23 -23.45
CA SER A 3 -3.50 -4.93 -23.17
C SER A 3 -4.32 -3.86 -23.84
N TYR A 4 -4.33 -2.68 -23.23
CA TYR A 4 -5.06 -1.56 -23.81
C TYR A 4 -4.43 -0.26 -23.35
N ARG A 5 -4.65 0.79 -24.13
CA ARG A 5 -4.13 2.11 -23.85
C ARG A 5 -5.02 2.81 -22.84
N ALA A 6 -4.42 3.43 -21.82
CA ALA A 6 -5.19 4.16 -20.83
C ALA A 6 -5.78 5.36 -21.57
N GLN A 7 -7.08 5.57 -21.41
CA GLN A 7 -7.77 6.66 -22.09
C GLN A 7 -8.47 7.57 -21.08
N GLY A 8 -8.18 7.32 -19.81
CA GLY A 8 -8.77 8.08 -18.73
C GLY A 8 -8.82 7.14 -17.53
N PRO A 9 -9.76 7.32 -16.60
CA PRO A 9 -9.84 6.42 -15.45
C PRO A 9 -10.05 4.99 -15.94
N LEU A 10 -9.46 4.02 -15.26
CA LEU A 10 -9.63 2.63 -15.68
C LEU A 10 -11.02 2.11 -15.31
N PRO A 11 -11.55 1.15 -16.07
CA PRO A 11 -12.88 0.61 -15.75
C PRO A 11 -12.90 0.13 -14.30
N GLY A 12 -11.76 -0.41 -13.88
CA GLY A 12 -11.58 -0.89 -12.52
C GLY A 12 -10.11 -0.72 -12.21
N PHE A 13 -9.80 0.11 -11.21
CA PHE A 13 -8.41 0.38 -10.83
C PHE A 13 -8.05 -0.47 -9.61
N TYR A 14 -8.10 -1.79 -9.79
CA TYR A 14 -7.85 -2.73 -8.71
C TYR A 14 -6.77 -3.78 -8.95
N HIS A 15 -5.96 -3.59 -9.98
CA HIS A 15 -4.94 -4.56 -10.30
C HIS A 15 -3.90 -4.82 -9.23
N TYR A 16 -3.67 -3.83 -8.37
CA TYR A 16 -2.70 -3.93 -7.29
C TYR A 16 -3.33 -4.27 -5.93
N TYR A 17 -4.61 -4.60 -5.94
CA TYR A 17 -5.31 -4.99 -4.70
C TYR A 17 -5.08 -6.50 -4.50
N PRO A 18 -5.37 -7.03 -3.31
CA PRO A 18 -5.88 -6.37 -2.11
C PRO A 18 -4.82 -5.63 -1.31
N GLY A 19 -5.29 -4.84 -0.34
CA GLY A 19 -4.40 -4.11 0.52
C GLY A 19 -5.01 -4.04 1.90
N VAL A 20 -4.18 -3.82 2.91
CA VAL A 20 -4.68 -3.67 4.26
C VAL A 20 -5.18 -2.24 4.34
N PRO A 21 -6.41 -2.04 4.83
CA PRO A 21 -6.92 -0.68 4.93
C PRO A 21 -6.49 -0.06 6.25
N ALA A 22 -5.98 1.16 6.20
CA ALA A 22 -5.56 1.84 7.42
C ALA A 22 -6.74 2.68 7.89
N VAL A 23 -7.17 2.49 9.14
CA VAL A 23 -8.27 3.31 9.62
C VAL A 23 -7.67 4.62 10.11
N VAL A 24 -8.05 5.71 9.45
CA VAL A 24 -7.54 7.03 9.81
C VAL A 24 -8.46 7.67 10.82
N GLY A 25 -7.91 7.99 11.99
CA GLY A 25 -8.68 8.62 13.04
C GLY A 25 -8.23 10.06 13.21
N VAL A 26 -9.18 10.98 13.28
CA VAL A 26 -8.85 12.38 13.42
C VAL A 26 -9.82 13.06 14.38
N ARG A 27 -9.28 14.00 15.16
CA ARG A 27 -10.08 14.74 16.11
C ARG A 27 -9.86 16.24 15.99
N VAL A 28 -10.94 16.99 15.97
CA VAL A 28 -10.89 18.45 15.92
C VAL A 28 -11.78 18.84 17.09
N GLU A 29 -11.15 19.29 18.16
N GLU A 29 -11.17 19.32 18.15
CA GLU A 29 -11.86 19.68 19.37
CA GLU A 29 -11.89 19.69 19.37
C GLU A 29 -12.59 18.44 19.91
C GLU A 29 -12.59 18.45 19.91
N GLU A 30 -13.91 18.47 20.02
CA GLU A 30 -14.63 17.30 20.54
C GLU A 30 -15.04 16.30 19.46
N ARG A 31 -14.98 16.72 18.20
CA ARG A 31 -15.40 15.86 17.10
C ARG A 31 -14.35 14.83 16.66
N VAL A 32 -14.76 13.58 16.63
CA VAL A 32 -13.90 12.47 16.22
C VAL A 32 -14.49 11.82 14.98
N ASN A 33 -13.62 11.50 14.02
CA ASN A 33 -14.06 10.84 12.81
C ASN A 33 -13.07 9.72 12.45
N PHE A 34 -13.57 8.68 11.78
CA PHE A 34 -12.75 7.56 11.33
C PHE A 34 -13.06 7.25 9.88
N CYS A 35 -12.01 6.93 9.15
N CYS A 35 -12.06 6.89 9.11
CA CYS A 35 -12.05 6.69 7.72
CA CYS A 35 -12.36 6.53 7.74
C CYS A 35 -11.05 5.64 7.17
C CYS A 35 -11.21 5.66 7.26
N PRO A 36 -11.54 4.49 6.69
CA PRO A 36 -10.56 3.53 6.17
C PRO A 36 -9.91 4.07 4.91
N ALA A 37 -8.65 3.73 4.72
CA ALA A 37 -7.90 4.17 3.55
C ALA A 37 -7.03 3.01 3.07
N VAL A 38 -7.41 2.41 1.94
CA VAL A 38 -6.63 1.31 1.40
C VAL A 38 -5.42 1.86 0.64
N TRP A 39 -5.48 3.14 0.27
CA TRP A 39 -4.36 3.76 -0.39
C TRP A 39 -3.45 4.31 0.71
N ASN A 40 -2.62 3.43 1.25
CA ASN A 40 -1.68 3.79 2.30
C ASN A 40 -0.39 3.05 2.01
N THR A 41 0.72 3.58 2.51
CA THR A 41 2.01 2.96 2.28
C THR A 41 3.08 3.52 3.20
N GLY A 42 4.10 2.72 3.45
CA GLY A 42 5.21 3.20 4.25
C GLY A 42 5.91 4.16 3.30
N LEU A 43 6.61 5.14 3.83
CA LEU A 43 7.30 6.11 2.97
C LEU A 43 8.76 6.33 3.37
N SER A 44 9.09 5.98 4.61
CA SER A 44 10.46 6.12 5.11
C SER A 44 10.62 5.31 6.38
N ALA A 45 11.80 4.73 6.58
CA ALA A 45 12.05 3.94 7.77
C ALA A 45 12.72 4.80 8.83
N ASP A 46 13.66 5.63 8.40
CA ASP A 46 14.39 6.51 9.31
C ASP A 46 14.45 7.91 8.71
N PRO A 47 13.58 8.82 9.17
CA PRO A 47 12.56 8.62 10.21
C PRO A 47 11.36 7.82 9.71
N PRO A 48 10.58 7.23 10.62
CA PRO A 48 9.42 6.43 10.21
C PRO A 48 8.28 7.33 9.69
N LEU A 49 8.02 7.25 8.39
CA LEU A 49 6.96 8.04 7.78
C LEU A 49 5.96 7.09 7.13
N PHE A 50 4.68 7.46 7.24
CA PHE A 50 3.59 6.64 6.71
C PHE A 50 2.60 7.57 6.03
N GLY A 51 2.11 7.18 4.86
CA GLY A 51 1.18 8.04 4.16
C GLY A 51 -0.16 7.43 3.84
N VAL A 52 -1.17 8.29 3.77
CA VAL A 52 -2.52 7.87 3.40
C VAL A 52 -3.01 8.86 2.35
N SER A 53 -3.63 8.34 1.29
CA SER A 53 -4.13 9.16 0.20
C SER A 53 -5.63 9.33 0.37
N ILE A 54 -6.05 10.57 0.66
CA ILE A 54 -7.45 10.89 0.92
C ILE A 54 -8.05 11.87 -0.07
N SER A 55 -9.24 11.56 -0.57
CA SER A 55 -9.92 12.43 -1.52
C SER A 55 -10.44 13.68 -0.82
N PRO A 56 -10.34 14.84 -1.51
CA PRO A 56 -10.85 16.06 -0.88
C PRO A 56 -12.36 15.99 -0.64
N LYS A 57 -12.98 14.94 -1.18
CA LYS A 57 -14.43 14.75 -1.04
C LYS A 57 -14.80 14.16 0.33
N ARG A 58 -13.82 13.62 1.04
CA ARG A 58 -14.09 13.03 2.34
C ARG A 58 -14.13 14.09 3.42
N PHE A 59 -15.00 13.90 4.39
CA PHE A 59 -15.13 14.81 5.51
C PHE A 59 -13.79 14.80 6.25
N THR A 60 -13.14 13.64 6.25
CA THR A 60 -11.86 13.45 6.91
C THR A 60 -10.75 14.35 6.37
N HIS A 61 -10.81 14.67 5.07
CA HIS A 61 -9.81 15.52 4.45
C HIS A 61 -9.69 16.86 5.17
N GLY A 62 -10.80 17.55 5.33
CA GLY A 62 -10.80 18.83 6.00
C GLY A 62 -10.34 18.71 7.45
N LEU A 63 -10.77 17.64 8.12
CA LEU A 63 -10.38 17.44 9.52
C LEU A 63 -8.88 17.27 9.66
N LEU A 64 -8.26 16.53 8.73
CA LEU A 64 -6.82 16.32 8.76
C LEU A 64 -6.07 17.64 8.62
N LEU A 65 -6.55 18.51 7.73
CA LEU A 65 -5.90 19.80 7.52
C LEU A 65 -6.02 20.69 8.75
N LYS A 66 -7.08 20.51 9.51
CA LYS A 66 -7.29 21.31 10.72
C LYS A 66 -6.49 20.78 11.90
N ALA A 67 -6.57 19.48 12.12
CA ALA A 67 -5.88 18.84 13.24
C ALA A 67 -4.37 18.75 13.09
N ARG A 68 -3.90 18.44 11.87
CA ARG A 68 -2.48 18.29 11.59
C ARG A 68 -1.89 17.11 12.36
N ARG A 69 -2.76 16.22 12.82
CA ARG A 69 -2.37 15.02 13.56
C ARG A 69 -3.45 14.00 13.29
N PHE A 70 -3.07 12.73 13.29
CA PHE A 70 -4.04 11.68 13.08
C PHE A 70 -3.47 10.34 13.47
N SER A 71 -4.35 9.35 13.54
CA SER A 71 -3.92 8.00 13.87
C SER A 71 -4.16 7.15 12.62
N ALA A 72 -3.44 6.04 12.56
CA ALA A 72 -3.62 5.06 11.50
C ALA A 72 -3.63 3.75 12.26
N SER A 73 -4.78 3.09 12.29
CA SER A 73 -4.91 1.83 13.01
C SER A 73 -5.19 0.67 12.06
N PHE A 74 -4.74 -0.50 12.47
CA PHE A 74 -4.86 -1.72 11.68
C PHE A 74 -5.64 -2.73 12.49
N HIS A 75 -6.74 -3.17 11.89
CA HIS A 75 -7.67 -4.06 12.56
C HIS A 75 -7.78 -5.49 12.08
N PRO A 76 -8.11 -6.40 13.01
CA PRO A 76 -8.25 -7.81 12.64
C PRO A 76 -9.45 -8.05 11.74
N PHE A 77 -9.40 -9.16 11.01
CA PHE A 77 -10.47 -9.53 10.09
C PHE A 77 -11.82 -9.50 10.82
N GLY A 78 -11.81 -9.84 12.10
CA GLY A 78 -13.02 -9.86 12.89
C GLY A 78 -13.79 -8.54 12.91
N GLN A 79 -13.13 -7.44 12.61
CA GLN A 79 -13.79 -6.14 12.61
C GLN A 79 -14.18 -5.65 11.22
N LYS A 80 -14.24 -6.58 10.26
CA LYS A 80 -14.60 -6.27 8.89
C LYS A 80 -15.89 -5.43 8.78
N ASP A 81 -16.93 -5.82 9.49
CA ASP A 81 -18.19 -5.09 9.43
C ASP A 81 -18.08 -3.65 9.91
N LEU A 82 -17.33 -3.44 10.99
CA LEU A 82 -17.14 -2.09 11.53
C LEU A 82 -16.34 -1.23 10.54
N VAL A 83 -15.24 -1.78 10.04
CA VAL A 83 -14.42 -1.03 9.09
C VAL A 83 -15.24 -0.68 7.85
N HIS A 84 -16.01 -1.64 7.36
CA HIS A 84 -16.85 -1.41 6.19
C HIS A 84 -17.88 -0.32 6.47
N TRP A 85 -18.47 -0.34 7.66
CA TRP A 85 -19.47 0.66 8.00
C TRP A 85 -18.83 2.05 8.00
N LEU A 86 -17.64 2.17 8.58
CA LEU A 86 -16.93 3.45 8.63
C LEU A 86 -16.57 3.94 7.24
N GLY A 87 -16.39 3.03 6.30
CA GLY A 87 -16.05 3.41 4.95
C GLY A 87 -17.25 3.51 4.02
N SER A 88 -18.46 3.36 4.58
CA SER A 88 -19.68 3.42 3.79
C SER A 88 -20.62 4.55 4.24
N HIS A 89 -20.15 5.34 5.20
CA HIS A 89 -20.92 6.47 5.71
C HIS A 89 -19.98 7.64 5.97
N SER A 90 -20.49 8.86 5.89
CA SER A 90 -19.68 10.05 6.10
C SER A 90 -19.98 10.78 7.39
N GLY A 91 -18.94 11.39 7.94
CA GLY A 91 -19.07 12.16 9.16
C GLY A 91 -19.93 13.39 8.92
N ARG A 92 -20.26 13.65 7.66
CA ARG A 92 -21.13 14.78 7.33
C ARG A 92 -22.55 14.45 7.74
N GLU A 93 -22.85 13.15 7.83
CA GLU A 93 -24.20 12.72 8.16
C GLU A 93 -24.38 11.80 9.36
N VAL A 94 -23.28 11.36 9.97
CA VAL A 94 -23.38 10.50 11.14
C VAL A 94 -22.13 10.70 12.00
N ASP A 95 -22.31 10.68 13.31
CA ASP A 95 -21.19 10.85 14.23
C ASP A 95 -20.46 9.52 14.41
N LYS A 96 -19.42 9.30 13.59
CA LYS A 96 -18.65 8.07 13.70
C LYS A 96 -17.77 8.08 14.94
N GLY A 97 -17.71 9.23 15.60
CA GLY A 97 -16.91 9.34 16.81
C GLY A 97 -17.46 8.49 17.93
N GLN A 98 -18.68 8.01 17.80
CA GLN A 98 -19.28 7.18 18.82
C GLN A 98 -18.79 5.74 18.78
N ALA A 99 -18.03 5.42 17.73
CA ALA A 99 -17.46 4.07 17.62
C ALA A 99 -16.46 3.98 18.76
N PRO A 100 -16.43 2.84 19.48
CA PRO A 100 -15.50 2.67 20.59
C PRO A 100 -14.08 3.06 20.21
N HIS A 101 -13.48 3.94 21.00
CA HIS A 101 -12.12 4.41 20.74
C HIS A 101 -11.52 5.01 22.00
N PHE A 102 -10.23 5.32 21.93
CA PHE A 102 -9.53 5.94 23.04
C PHE A 102 -8.62 7.00 22.43
N LEU A 103 -8.07 7.86 23.27
CA LEU A 103 -7.20 8.92 22.79
C LEU A 103 -5.75 8.57 23.04
N GLY A 104 -4.91 8.76 22.03
CA GLY A 104 -3.51 8.46 22.16
C GLY A 104 -2.78 9.54 22.96
N HIS A 105 -1.49 9.36 23.12
CA HIS A 105 -0.68 10.29 23.87
C HIS A 105 -0.70 11.71 23.30
N THR A 106 -0.81 11.81 21.98
CA THR A 106 -0.83 13.11 21.32
C THR A 106 -2.25 13.63 21.14
N GLY A 107 -3.23 12.91 21.66
CA GLY A 107 -4.61 13.36 21.56
C GLY A 107 -5.38 12.86 20.35
N VAL A 108 -4.73 12.10 19.48
CA VAL A 108 -5.41 11.58 18.30
C VAL A 108 -6.31 10.42 18.72
N PRO A 109 -7.46 10.26 18.05
CA PRO A 109 -8.37 9.18 18.39
C PRO A 109 -7.98 7.86 17.70
N ILE A 110 -7.95 6.78 18.48
CA ILE A 110 -7.59 5.47 17.96
C ILE A 110 -8.76 4.51 18.12
N LEU A 111 -9.22 3.95 17.01
CA LEU A 111 -10.35 3.01 17.02
C LEU A 111 -9.99 1.78 17.83
N GLU A 112 -10.86 1.42 18.77
CA GLU A 112 -10.60 0.24 19.60
C GLU A 112 -10.68 -1.08 18.85
N GLY A 113 -9.86 -2.04 19.28
CA GLY A 113 -9.88 -3.36 18.67
C GLY A 113 -8.72 -3.62 17.73
N ALA A 114 -7.91 -2.60 17.48
CA ALA A 114 -6.78 -2.74 16.57
C ALA A 114 -5.66 -3.60 17.12
N TYR A 115 -4.92 -4.27 16.25
CA TYR A 115 -3.79 -5.05 16.72
C TYR A 115 -2.57 -4.13 16.75
N ALA A 116 -2.66 -2.99 16.06
CA ALA A 116 -1.57 -2.02 16.05
C ALA A 116 -2.08 -0.67 15.56
N ALA A 117 -1.37 0.39 15.93
CA ALA A 117 -1.75 1.73 15.50
C ALA A 117 -0.58 2.70 15.64
N TYR A 118 -0.61 3.73 14.81
CA TYR A 118 0.39 4.78 14.83
C TYR A 118 -0.26 6.11 15.18
N GLU A 119 0.45 6.92 15.96
CA GLU A 119 -0.01 8.28 16.24
C GLU A 119 0.92 9.03 15.30
N LEU A 120 0.34 9.86 14.44
CA LEU A 120 1.13 10.59 13.45
C LEU A 120 0.99 12.10 13.48
N GLU A 121 2.10 12.76 13.17
CA GLU A 121 2.12 14.22 13.10
C GLU A 121 2.16 14.49 11.60
N LEU A 122 1.26 15.32 11.09
CA LEU A 122 1.24 15.61 9.67
C LEU A 122 2.45 16.44 9.26
N LEU A 123 3.27 15.90 8.37
CA LEU A 123 4.46 16.58 7.90
C LEU A 123 4.22 17.35 6.61
N GLU A 124 3.61 16.69 5.64
CA GLU A 124 3.34 17.31 4.34
C GLU A 124 2.08 16.76 3.70
N VAL A 125 1.54 17.53 2.76
CA VAL A 125 0.37 17.13 2.01
C VAL A 125 0.68 17.42 0.55
N HIS A 126 0.48 16.43 -0.32
CA HIS A 126 0.75 16.59 -1.74
C HIS A 126 -0.41 16.12 -2.60
N THR A 127 -0.82 16.97 -3.53
CA THR A 127 -1.92 16.64 -4.44
C THR A 127 -1.41 15.84 -5.63
N PHE A 128 -2.03 14.69 -5.86
CA PHE A 128 -1.70 13.84 -6.99
C PHE A 128 -3.04 13.50 -7.61
N GLY A 129 -3.41 14.19 -8.69
CA GLY A 129 -4.68 13.89 -9.31
C GLY A 129 -5.85 14.18 -8.38
N ASP A 130 -6.78 13.24 -8.27
CA ASP A 130 -7.97 13.44 -7.45
C ASP A 130 -7.89 13.08 -5.97
N HIS A 131 -6.69 12.79 -5.45
CA HIS A 131 -6.50 12.50 -4.03
C HIS A 131 -5.28 13.24 -3.51
N ASP A 132 -5.28 13.52 -2.22
CA ASP A 132 -4.15 14.20 -1.59
C ASP A 132 -3.42 13.21 -0.68
N LEU A 133 -2.10 13.15 -0.81
CA LEU A 133 -1.32 12.25 0.02
C LEU A 133 -0.91 12.99 1.29
N PHE A 134 -1.34 12.46 2.42
CA PHE A 134 -1.01 13.03 3.73
C PHE A 134 0.15 12.23 4.27
N VAL A 135 1.31 12.87 4.40
CA VAL A 135 2.51 12.21 4.88
C VAL A 135 2.67 12.48 6.36
N GLY A 136 2.61 11.42 7.16
CA GLY A 136 2.73 11.59 8.59
C GLY A 136 3.98 10.96 9.18
N ARG A 137 4.47 11.56 10.24
CA ARG A 137 5.63 11.04 10.93
C ARG A 137 5.12 10.27 12.14
N VAL A 138 5.56 9.03 12.27
CA VAL A 138 5.14 8.19 13.39
C VAL A 138 5.82 8.70 14.67
N VAL A 139 5.03 9.16 15.63
CA VAL A 139 5.59 9.67 16.87
C VAL A 139 5.31 8.73 18.06
N ALA A 140 4.34 7.85 17.89
CA ALA A 140 4.00 6.89 18.93
C ALA A 140 3.44 5.64 18.27
N VAL A 141 3.72 4.49 18.87
CA VAL A 141 3.30 3.21 18.36
C VAL A 141 2.51 2.42 19.39
N TRP A 142 1.38 1.84 18.97
CA TRP A 142 0.54 1.04 19.84
C TRP A 142 0.51 -0.38 19.29
N GLU A 143 0.63 -1.37 20.17
CA GLU A 143 0.62 -2.77 19.76
C GLU A 143 -0.16 -3.61 20.75
N GLU A 144 -0.97 -4.53 20.23
CA GLU A 144 -1.71 -5.43 21.09
C GLU A 144 -0.79 -6.64 21.18
N GLU A 145 0.04 -6.68 22.21
CA GLU A 145 1.00 -7.76 22.39
C GLU A 145 0.44 -9.16 22.21
N GLY A 146 1.20 -9.98 21.50
CA GLY A 146 0.79 -11.35 21.25
C GLY A 146 0.22 -11.55 19.86
N LEU A 147 -0.13 -10.46 19.19
N LEU A 147 -0.14 -10.45 19.20
CA LEU A 147 -0.70 -10.54 17.85
CA LEU A 147 -0.71 -10.53 17.85
C LEU A 147 0.33 -10.29 16.76
C LEU A 147 0.32 -10.26 16.75
N LEU A 148 1.53 -9.89 17.15
CA LEU A 148 2.61 -9.63 16.21
C LEU A 148 3.72 -10.60 16.57
N ASP A 149 4.46 -11.08 15.57
CA ASP A 149 5.55 -12.02 15.87
C ASP A 149 6.76 -11.27 16.40
N GLU A 150 7.85 -11.98 16.61
CA GLU A 150 9.09 -11.40 17.13
C GLU A 150 9.64 -10.25 16.30
N LYS A 151 9.40 -10.27 15.01
CA LYS A 151 9.91 -9.22 14.13
C LYS A 151 8.94 -8.06 13.99
N GLY A 152 7.78 -8.18 14.63
CA GLY A 152 6.80 -7.12 14.59
C GLY A 152 5.77 -7.22 13.47
N ARG A 153 5.73 -8.37 12.82
CA ARG A 153 4.80 -8.59 11.71
C ARG A 153 3.48 -9.16 12.19
N PRO A 154 2.35 -8.58 11.75
CA PRO A 154 1.05 -9.09 12.17
C PRO A 154 1.02 -10.56 11.78
N LYS A 155 0.64 -11.44 12.72
CA LYS A 155 0.61 -12.86 12.43
C LYS A 155 -0.28 -13.19 11.24
N PRO A 156 0.12 -14.18 10.43
CA PRO A 156 -0.63 -14.60 9.24
C PRO A 156 -2.08 -14.96 9.51
N GLY A 157 -2.98 -14.44 8.67
CA GLY A 157 -4.40 -14.72 8.80
C GLY A 157 -5.20 -13.71 9.61
N LEU A 158 -4.50 -12.87 10.36
CA LEU A 158 -5.14 -11.87 11.21
C LEU A 158 -5.61 -10.59 10.51
N ALA A 159 -4.80 -10.08 9.60
CA ALA A 159 -5.12 -8.84 8.91
C ALA A 159 -6.39 -8.84 8.05
N LEU A 160 -7.00 -7.66 7.95
CA LEU A 160 -8.17 -7.47 7.13
C LEU A 160 -7.64 -7.02 5.78
N LEU A 161 -8.10 -7.65 4.70
CA LEU A 161 -7.67 -7.27 3.36
C LEU A 161 -8.86 -6.69 2.61
N TYR A 162 -8.62 -5.64 1.83
CA TYR A 162 -9.69 -5.02 1.06
C TYR A 162 -9.40 -5.22 -0.43
N TYR A 163 -10.39 -5.73 -1.16
CA TYR A 163 -10.28 -5.99 -2.60
C TYR A 163 -10.93 -4.94 -3.47
N GLY A 164 -11.59 -3.97 -2.84
CA GLY A 164 -12.26 -2.93 -3.61
C GLY A 164 -13.74 -3.25 -3.76
N LYS A 165 -14.54 -2.22 -3.99
CA LYS A 165 -15.99 -2.38 -4.17
C LYS A 165 -16.67 -3.15 -3.04
N GLY A 166 -16.27 -2.87 -1.80
CA GLY A 166 -16.87 -3.50 -0.65
C GLY A 166 -16.59 -4.98 -0.43
N LEU A 167 -15.55 -5.50 -1.06
CA LEU A 167 -15.19 -6.91 -0.92
C LEU A 167 -13.97 -7.04 -0.02
N TYR A 168 -14.05 -7.91 0.98
CA TYR A 168 -12.95 -8.11 1.93
C TYR A 168 -12.53 -9.56 2.04
N GLY A 169 -11.34 -9.74 2.61
CA GLY A 169 -10.79 -11.06 2.80
C GLY A 169 -9.75 -10.99 3.90
N ARG A 170 -8.92 -12.02 3.99
CA ARG A 170 -7.86 -12.08 5.00
C ARG A 170 -6.77 -12.94 4.41
N PRO A 171 -5.55 -12.87 4.98
CA PRO A 171 -4.48 -13.70 4.43
C PRO A 171 -4.69 -15.15 4.86
N ALA A 172 -4.11 -16.06 4.10
CA ALA A 172 -4.19 -17.47 4.44
C ALA A 172 -3.19 -17.62 5.60
N GLU A 173 -3.31 -18.71 6.36
CA GLU A 173 -2.39 -18.90 7.47
C GLU A 173 -1.01 -19.35 6.99
N GLU A 174 -0.97 -20.03 5.86
CA GLU A 174 0.30 -20.52 5.32
C GLU A 174 1.21 -19.39 4.85
N THR A 175 2.50 -19.55 5.10
CA THR A 175 3.49 -18.55 4.68
C THR A 175 4.63 -19.24 3.95
N PHE A 176 5.47 -18.44 3.31
CA PHE A 176 6.62 -18.95 2.56
C PHE A 176 7.86 -18.12 2.88
N ALA A 177 9.01 -18.79 2.98
CA ALA A 177 10.26 -18.11 3.24
C ALA A 177 11.24 -18.59 2.16
N PRO A 178 11.26 -17.92 1.00
CA PRO A 178 12.12 -18.26 -0.14
C PRO A 178 13.61 -18.11 0.19
N MET B 1 -3.34 -2.51 25.69
CA MET B 1 -2.56 -2.29 24.43
C MET B 1 -1.28 -1.54 24.79
N ARG B 2 -0.15 -2.11 24.39
CA ARG B 2 1.17 -1.54 24.66
C ARG B 2 1.47 -0.34 23.78
N SER B 3 2.23 0.62 24.30
CA SER B 3 2.61 1.79 23.51
C SER B 3 4.01 2.27 23.86
N TYR B 4 4.63 2.94 22.91
CA TYR B 4 5.95 3.52 23.12
C TYR B 4 6.14 4.71 22.19
N ARG B 5 7.06 5.59 22.58
CA ARG B 5 7.39 6.80 21.84
C ARG B 5 8.40 6.47 20.75
N ALA B 6 8.20 7.00 19.55
CA ALA B 6 9.16 6.76 18.48
C ALA B 6 10.45 7.46 18.88
N GLN B 7 11.56 6.76 18.78
CA GLN B 7 12.87 7.29 19.16
C GLN B 7 13.87 7.14 18.01
N GLY B 8 13.35 6.85 16.83
CA GLY B 8 14.18 6.66 15.65
C GLY B 8 13.49 5.57 14.85
N PRO B 9 14.21 4.83 14.00
CA PRO B 9 13.51 3.78 13.24
C PRO B 9 12.86 2.79 14.19
N LEU B 10 11.68 2.28 13.83
CA LEU B 10 10.99 1.32 14.69
C LEU B 10 11.69 -0.04 14.70
N PRO B 11 11.57 -0.79 15.80
CA PRO B 11 12.20 -2.11 15.88
C PRO B 11 11.74 -2.95 14.69
N GLY B 12 10.51 -2.70 14.29
CA GLY B 12 9.90 -3.38 13.17
C GLY B 12 8.90 -2.37 12.63
N PHE B 13 8.90 -2.14 11.32
CA PHE B 13 7.98 -1.18 10.71
C PHE B 13 7.07 -1.99 9.79
N TYR B 14 6.36 -2.94 10.38
CA TYR B 14 5.50 -3.84 9.63
C TYR B 14 4.05 -3.92 10.10
N HIS B 15 3.62 -2.97 10.92
CA HIS B 15 2.27 -3.00 11.46
C HIS B 15 1.17 -2.96 10.41
N TYR B 16 1.50 -2.38 9.25
CA TYR B 16 0.56 -2.24 8.15
C TYR B 16 0.71 -3.30 7.05
N TYR B 17 1.58 -4.29 7.29
CA TYR B 17 1.78 -5.37 6.33
C TYR B 17 0.70 -6.42 6.62
N PRO B 18 0.48 -7.38 5.69
CA PRO B 18 1.17 -7.55 4.41
C PRO B 18 0.66 -6.64 3.32
N GLY B 19 1.41 -6.62 2.23
CA GLY B 19 1.03 -5.83 1.07
C GLY B 19 1.44 -6.57 -0.18
N VAL B 20 0.79 -6.24 -1.29
CA VAL B 20 1.15 -6.86 -2.56
C VAL B 20 2.40 -6.12 -3.03
N PRO B 21 3.45 -6.87 -3.42
CA PRO B 21 4.67 -6.20 -3.88
C PRO B 21 4.56 -5.90 -5.37
N ALA B 22 4.80 -4.66 -5.75
CA ALA B 22 4.75 -4.28 -7.15
C ALA B 22 6.14 -4.49 -7.74
N VAL B 23 6.25 -5.27 -8.81
CA VAL B 23 7.56 -5.47 -9.41
C VAL B 23 7.79 -4.31 -10.37
N VAL B 24 8.78 -3.49 -10.05
CA VAL B 24 9.10 -2.32 -10.85
C VAL B 24 10.14 -2.69 -11.91
N GLY B 25 9.75 -2.55 -13.17
CA GLY B 25 10.66 -2.84 -14.27
C GLY B 25 11.09 -1.55 -14.92
N VAL B 26 12.38 -1.42 -15.22
CA VAL B 26 12.89 -0.23 -15.85
C VAL B 26 13.97 -0.57 -16.87
N ARG B 27 14.00 0.18 -17.97
CA ARG B 27 14.97 -0.04 -19.02
C ARG B 27 15.65 1.25 -19.44
N VAL B 28 16.97 1.21 -19.49
CA VAL B 28 17.76 2.36 -19.91
C VAL B 28 18.65 1.79 -20.99
N GLU B 29 18.37 2.16 -22.23
CA GLU B 29 19.09 1.65 -23.38
C GLU B 29 18.94 0.14 -23.46
N GLU B 30 20.04 -0.59 -23.32
CA GLU B 30 19.99 -2.05 -23.42
C GLU B 30 19.82 -2.73 -22.07
N ARG B 31 19.98 -1.99 -20.99
CA ARG B 31 19.89 -2.55 -19.65
C ARG B 31 18.49 -2.58 -19.03
N VAL B 32 18.09 -3.74 -18.55
CA VAL B 32 16.80 -3.94 -17.90
C VAL B 32 17.02 -4.35 -16.46
N ASN B 33 16.22 -3.80 -15.55
CA ASN B 33 16.32 -4.15 -14.14
C ASN B 33 14.92 -4.27 -13.56
N PHE B 34 14.78 -5.09 -12.53
CA PHE B 34 13.52 -5.29 -11.84
C PHE B 34 13.77 -5.25 -10.35
N CYS B 35 12.81 -4.67 -9.65
N CYS B 35 12.83 -4.70 -9.60
CA CYS B 35 12.88 -4.44 -8.22
CA CYS B 35 13.01 -4.71 -8.16
C CYS B 35 11.51 -4.46 -7.51
C CYS B 35 11.62 -4.56 -7.57
N PRO B 36 11.26 -5.44 -6.63
CA PRO B 36 9.96 -5.44 -5.97
C PRO B 36 9.85 -4.25 -5.03
N ALA B 37 8.64 -3.73 -4.90
CA ALA B 37 8.38 -2.59 -4.03
C ALA B 37 7.07 -2.81 -3.29
N VAL B 38 7.15 -3.13 -2.00
CA VAL B 38 5.94 -3.34 -1.22
C VAL B 38 5.36 -1.98 -0.81
N TRP B 39 6.18 -0.95 -0.87
CA TRP B 39 5.72 0.39 -0.56
C TRP B 39 5.19 0.97 -1.87
N ASN B 40 3.95 0.63 -2.18
CA ASN B 40 3.30 1.10 -3.39
C ASN B 40 1.85 1.37 -3.05
N THR B 41 1.22 2.26 -3.79
CA THR B 41 -0.18 2.59 -3.52
C THR B 41 -0.81 3.33 -4.67
N GLY B 42 -2.13 3.24 -4.78
CA GLY B 42 -2.82 3.98 -5.80
C GLY B 42 -2.75 5.40 -5.27
N LEU B 43 -2.76 6.39 -6.16
CA LEU B 43 -2.69 7.78 -5.73
C LEU B 43 -3.78 8.67 -6.31
N SER B 44 -4.39 8.20 -7.41
CA SER B 44 -5.46 8.94 -8.05
C SER B 44 -6.18 8.03 -9.03
N ALA B 45 -7.49 8.21 -9.17
CA ALA B 45 -8.27 7.39 -10.09
C ALA B 45 -8.39 8.11 -11.43
N ASP B 46 -8.66 9.41 -11.36
CA ASP B 46 -8.81 10.23 -12.56
C ASP B 46 -7.96 11.49 -12.43
N PRO B 47 -6.78 11.50 -13.08
CA PRO B 47 -6.23 10.43 -13.90
C PRO B 47 -5.67 9.29 -13.05
N PRO B 48 -5.46 8.12 -13.66
CA PRO B 48 -4.93 6.97 -12.91
C PRO B 48 -3.45 7.13 -12.59
N LEU B 49 -3.14 7.36 -11.32
CA LEU B 49 -1.77 7.53 -10.87
C LEU B 49 -1.45 6.45 -9.84
N PHE B 50 -0.24 5.92 -9.94
CA PHE B 50 0.22 4.86 -9.06
C PHE B 50 1.63 5.20 -8.58
N GLY B 51 1.90 5.01 -7.30
CA GLY B 51 3.23 5.33 -6.81
C GLY B 51 4.00 4.21 -6.15
N VAL B 52 5.33 4.29 -6.25
CA VAL B 52 6.21 3.31 -5.63
C VAL B 52 7.29 4.11 -4.91
N SER B 53 7.61 3.71 -3.69
CA SER B 53 8.62 4.39 -2.88
C SER B 53 9.92 3.59 -2.96
N ILE B 54 10.94 4.18 -3.57
CA ILE B 54 12.23 3.52 -3.77
C ILE B 54 13.38 4.26 -3.09
N SER B 55 14.21 3.51 -2.38
CA SER B 55 15.36 4.08 -1.69
C SER B 55 16.42 4.49 -2.71
N PRO B 56 17.10 5.63 -2.46
CA PRO B 56 18.14 6.08 -3.38
C PRO B 56 19.28 5.06 -3.43
N LYS B 57 19.29 4.12 -2.48
CA LYS B 57 20.32 3.09 -2.41
C LYS B 57 20.12 1.99 -3.45
N ARG B 58 18.95 1.96 -4.08
CA ARG B 58 18.67 0.92 -5.07
C ARG B 58 19.20 1.35 -6.44
N PHE B 59 19.74 0.37 -7.17
CA PHE B 59 20.25 0.61 -8.52
C PHE B 59 19.08 1.13 -9.36
N THR B 60 17.88 0.63 -9.04
CA THR B 60 16.67 1.01 -9.74
C THR B 60 16.36 2.50 -9.68
N HIS B 61 16.72 3.13 -8.55
CA HIS B 61 16.46 4.55 -8.35
C HIS B 61 17.02 5.41 -9.48
N GLY B 62 18.31 5.21 -9.77
CA GLY B 62 18.94 5.98 -10.83
C GLY B 62 18.35 5.69 -12.20
N LEU B 63 18.02 4.43 -12.44
CA LEU B 63 17.44 4.06 -13.73
C LEU B 63 16.09 4.72 -13.94
N LEU B 64 15.31 4.83 -12.87
CA LEU B 64 13.99 5.46 -12.95
C LEU B 64 14.11 6.93 -13.31
N LEU B 65 15.08 7.63 -12.70
CA LEU B 65 15.26 9.05 -12.98
C LEU B 65 15.70 9.28 -14.42
N LYS B 66 16.44 8.34 -14.99
CA LYS B 66 16.91 8.46 -16.35
C LYS B 66 15.85 8.11 -17.38
N ALA B 67 15.24 6.94 -17.20
CA ALA B 67 14.19 6.47 -18.12
C ALA B 67 12.91 7.28 -18.02
N ARG B 68 12.53 7.62 -16.79
CA ARG B 68 11.31 8.37 -16.51
C ARG B 68 10.07 7.65 -17.05
N ARG B 69 10.19 6.33 -17.12
CA ARG B 69 9.12 5.44 -17.57
C ARG B 69 9.43 4.13 -16.87
N PHE B 70 8.41 3.41 -16.47
CA PHE B 70 8.64 2.13 -15.81
C PHE B 70 7.37 1.30 -15.80
N SER B 71 7.50 0.04 -15.42
CA SER B 71 6.34 -0.83 -15.33
C SER B 71 6.16 -1.20 -13.87
N ALA B 72 4.94 -1.64 -13.56
CA ALA B 72 4.61 -2.12 -12.23
C ALA B 72 3.77 -3.35 -12.51
N SER B 73 4.30 -4.53 -12.20
CA SER B 73 3.58 -5.76 -12.44
C SER B 73 3.25 -6.47 -11.13
N PHE B 74 2.14 -7.20 -11.16
CA PHE B 74 1.61 -7.91 -10.00
C PHE B 74 1.55 -9.39 -10.36
N HIS B 75 2.24 -10.19 -9.54
CA HIS B 75 2.39 -11.61 -9.79
C HIS B 75 1.70 -12.61 -8.86
N PRO B 76 1.37 -13.79 -9.40
CA PRO B 76 0.71 -14.87 -8.64
C PRO B 76 1.67 -15.32 -7.54
N PHE B 77 1.13 -15.82 -6.44
CA PHE B 77 1.99 -16.25 -5.35
C PHE B 77 2.98 -17.33 -5.78
N GLY B 78 2.65 -18.04 -6.86
CA GLY B 78 3.52 -19.09 -7.36
C GLY B 78 4.89 -18.58 -7.78
N GLN B 79 4.99 -17.29 -8.04
CA GLN B 79 6.28 -16.69 -8.44
C GLN B 79 7.00 -16.05 -7.26
N LYS B 80 6.67 -16.48 -6.04
CA LYS B 80 7.31 -15.94 -4.85
C LYS B 80 8.83 -16.04 -4.88
N ASP B 81 9.36 -17.14 -5.40
CA ASP B 81 10.81 -17.31 -5.45
C ASP B 81 11.49 -16.29 -6.35
N LEU B 82 10.88 -16.02 -7.50
CA LEU B 82 11.45 -15.06 -8.44
C LEU B 82 11.37 -13.64 -7.89
N VAL B 83 10.21 -13.27 -7.36
CA VAL B 83 10.05 -11.93 -6.81
C VAL B 83 11.06 -11.74 -5.67
N HIS B 84 11.18 -12.74 -4.80
CA HIS B 84 12.12 -12.64 -3.70
C HIS B 84 13.56 -12.52 -4.21
N TRP B 85 13.88 -13.29 -5.25
CA TRP B 85 15.22 -13.23 -5.81
C TRP B 85 15.52 -11.82 -6.33
N LEU B 86 14.57 -11.25 -7.06
CA LEU B 86 14.74 -9.90 -7.59
C LEU B 86 14.90 -8.86 -6.48
N GLY B 87 14.33 -9.15 -5.31
CA GLY B 87 14.43 -8.23 -4.20
C GLY B 87 15.55 -8.54 -3.22
N SER B 88 16.40 -9.51 -3.57
CA SER B 88 17.51 -9.89 -2.69
C SER B 88 18.87 -9.74 -3.37
N HIS B 89 18.88 -9.20 -4.58
CA HIS B 89 20.11 -8.99 -5.34
C HIS B 89 20.01 -7.66 -6.04
N SER B 90 21.15 -7.01 -6.27
CA SER B 90 21.16 -5.71 -6.93
C SER B 90 21.69 -5.76 -8.35
N GLY B 91 21.15 -4.87 -9.19
CA GLY B 91 21.60 -4.78 -10.57
C GLY B 91 23.05 -4.33 -10.64
N ARG B 92 23.60 -3.91 -9.50
CA ARG B 92 25.00 -3.49 -9.46
C ARG B 92 25.89 -4.72 -9.58
N GLU B 93 25.35 -5.88 -9.23
CA GLU B 93 26.13 -7.11 -9.27
C GLU B 93 25.57 -8.25 -10.11
N VAL B 94 24.35 -8.13 -10.61
CA VAL B 94 23.76 -9.17 -11.42
C VAL B 94 22.77 -8.59 -12.42
N ASP B 95 22.78 -9.13 -13.65
CA ASP B 95 21.88 -8.64 -14.68
C ASP B 95 20.51 -9.30 -14.52
N LYS B 96 19.63 -8.62 -13.79
CA LYS B 96 18.29 -9.15 -13.55
C LYS B 96 17.46 -9.03 -14.82
N GLY B 97 17.98 -8.31 -15.81
CA GLY B 97 17.27 -8.14 -17.06
C GLY B 97 17.09 -9.45 -17.80
N GLN B 98 17.80 -10.49 -17.37
CA GLN B 98 17.71 -11.78 -18.03
C GLN B 98 16.48 -12.57 -17.58
N ALA B 99 15.82 -12.08 -16.54
CA ALA B 99 14.61 -12.75 -16.06
C ALA B 99 13.61 -12.65 -17.22
N PRO B 100 12.85 -13.72 -17.48
CA PRO B 100 11.87 -13.72 -18.57
C PRO B 100 10.96 -12.50 -18.51
N HIS B 101 10.96 -11.73 -19.59
CA HIS B 101 10.14 -10.53 -19.67
C HIS B 101 9.88 -10.15 -21.12
N PHE B 102 9.02 -9.16 -21.30
CA PHE B 102 8.69 -8.67 -22.63
C PHE B 102 8.65 -7.15 -22.54
N LEU B 103 8.68 -6.47 -23.68
CA LEU B 103 8.63 -5.01 -23.65
C LEU B 103 7.22 -4.53 -23.92
N GLY B 104 6.79 -3.54 -23.14
CA GLY B 104 5.45 -2.99 -23.31
C GLY B 104 5.41 -2.06 -24.51
N HIS B 105 4.24 -1.49 -24.75
CA HIS B 105 4.05 -0.58 -25.87
C HIS B 105 4.96 0.65 -25.78
N THR B 106 5.24 1.08 -24.56
CA THR B 106 6.08 2.25 -24.35
C THR B 106 7.55 1.90 -24.17
N GLY B 107 7.88 0.63 -24.33
CA GLY B 107 9.26 0.20 -24.20
C GLY B 107 9.69 -0.21 -22.81
N VAL B 108 8.80 -0.14 -21.83
CA VAL B 108 9.16 -0.52 -20.48
C VAL B 108 9.16 -2.05 -20.38
N PRO B 109 10.08 -2.61 -19.59
CA PRO B 109 10.15 -4.07 -19.44
C PRO B 109 9.13 -4.57 -18.42
N ILE B 110 8.42 -5.63 -18.79
CA ILE B 110 7.40 -6.22 -17.94
C ILE B 110 7.75 -7.67 -17.64
N LEU B 111 7.93 -7.99 -16.35
CA LEU B 111 8.28 -9.33 -15.94
C LEU B 111 7.18 -10.30 -16.34
N GLU B 112 7.55 -11.39 -17.00
CA GLU B 112 6.56 -12.37 -17.43
C GLU B 112 5.93 -13.16 -16.30
N GLY B 113 4.67 -13.56 -16.50
CA GLY B 113 3.95 -14.34 -15.50
C GLY B 113 2.95 -13.57 -14.67
N ALA B 114 2.95 -12.24 -14.82
CA ALA B 114 2.05 -11.39 -14.04
C ALA B 114 0.59 -11.58 -14.44
N TYR B 115 -0.32 -11.34 -13.50
CA TYR B 115 -1.74 -11.44 -13.83
C TYR B 115 -2.18 -10.06 -14.30
N ALA B 116 -1.38 -9.04 -14.00
CA ALA B 116 -1.68 -7.67 -14.41
C ALA B 116 -0.45 -6.79 -14.31
N ALA B 117 -0.41 -5.73 -15.11
CA ALA B 117 0.73 -4.82 -15.07
C ALA B 117 0.35 -3.47 -15.65
N TYR B 118 1.05 -2.43 -15.21
CA TYR B 118 0.84 -1.07 -15.70
C TYR B 118 2.11 -0.58 -16.34
N GLU B 119 1.96 0.18 -17.42
CA GLU B 119 3.09 0.83 -18.06
C GLU B 119 2.88 2.24 -17.54
N LEU B 120 3.91 2.82 -16.93
CA LEU B 120 3.79 4.15 -16.37
C LEU B 120 4.78 5.18 -16.88
N GLU B 121 4.34 6.43 -16.88
CA GLU B 121 5.17 7.54 -17.29
C GLU B 121 5.42 8.33 -16.01
N LEU B 122 6.68 8.56 -15.67
CA LEU B 122 7.02 9.28 -14.45
C LEU B 122 6.51 10.71 -14.51
N LEU B 123 5.67 11.06 -13.53
CA LEU B 123 5.10 12.40 -13.44
C LEU B 123 5.88 13.28 -12.48
N GLU B 124 6.07 12.80 -11.25
CA GLU B 124 6.78 13.53 -10.21
C GLU B 124 7.55 12.59 -9.29
N VAL B 125 8.54 13.14 -8.59
CA VAL B 125 9.34 12.39 -7.63
C VAL B 125 9.44 13.25 -6.38
N HIS B 126 9.12 12.68 -5.23
CA HIS B 126 9.17 13.43 -3.98
C HIS B 126 9.94 12.68 -2.91
N THR B 127 10.84 13.38 -2.23
CA THR B 127 11.62 12.80 -1.17
C THR B 127 10.90 12.87 0.17
N PHE B 128 10.74 11.73 0.82
CA PHE B 128 10.12 11.64 2.14
C PHE B 128 11.08 10.79 2.94
N GLY B 129 11.85 11.42 3.83
CA GLY B 129 12.79 10.66 4.62
C GLY B 129 13.81 9.93 3.77
N ASP B 130 14.01 8.64 4.07
CA ASP B 130 15.01 7.85 3.34
C ASP B 130 14.57 7.12 2.07
N HIS B 131 13.38 7.46 1.56
CA HIS B 131 12.89 6.86 0.31
C HIS B 131 12.28 7.97 -0.55
N ASP B 132 12.32 7.77 -1.87
CA ASP B 132 11.73 8.74 -2.78
C ASP B 132 10.49 8.13 -3.41
N LEU B 133 9.38 8.87 -3.41
CA LEU B 133 8.15 8.38 -3.99
C LEU B 133 8.09 8.76 -5.46
N PHE B 134 8.04 7.76 -6.32
CA PHE B 134 7.95 7.96 -7.77
C PHE B 134 6.48 7.85 -8.13
N VAL B 135 5.90 8.94 -8.58
CA VAL B 135 4.49 8.98 -8.96
C VAL B 135 4.38 8.79 -10.47
N GLY B 136 3.76 7.69 -10.88
CA GLY B 136 3.60 7.43 -12.29
C GLY B 136 2.17 7.49 -12.77
N ARG B 137 2.02 7.87 -14.04
CA ARG B 137 0.71 7.93 -14.64
C ARG B 137 0.56 6.67 -15.47
N VAL B 138 -0.55 5.96 -15.27
CA VAL B 138 -0.80 4.74 -16.01
C VAL B 138 -1.13 5.09 -17.47
N VAL B 139 -0.32 4.60 -18.40
CA VAL B 139 -0.56 4.89 -19.81
C VAL B 139 -0.98 3.65 -20.61
N ALA B 140 -0.78 2.47 -20.02
CA ALA B 140 -1.17 1.23 -20.66
C ALA B 140 -1.40 0.19 -19.58
N VAL B 141 -2.34 -0.72 -19.85
CA VAL B 141 -2.70 -1.78 -18.91
C VAL B 141 -2.64 -3.17 -19.54
N TRP B 142 -2.08 -4.12 -18.79
CA TRP B 142 -1.95 -5.50 -19.24
C TRP B 142 -2.71 -6.38 -18.26
N GLU B 143 -3.47 -7.35 -18.77
CA GLU B 143 -4.24 -8.24 -17.93
C GLU B 143 -4.24 -9.67 -18.46
N GLU B 144 -4.07 -10.63 -17.56
CA GLU B 144 -4.10 -12.04 -17.96
C GLU B 144 -5.50 -12.51 -17.61
N GLU B 145 -6.41 -12.37 -18.57
CA GLU B 145 -7.82 -12.74 -18.40
C GLU B 145 -8.11 -13.93 -17.50
N GLY B 146 -7.44 -15.05 -17.77
CA GLY B 146 -7.65 -16.25 -16.98
C GLY B 146 -7.19 -16.20 -15.54
N LEU B 147 -6.62 -15.07 -15.12
CA LEU B 147 -6.13 -14.93 -13.75
C LEU B 147 -6.77 -13.78 -13.00
N LEU B 148 -7.73 -13.10 -13.65
CA LEU B 148 -8.40 -11.97 -13.01
C LEU B 148 -9.90 -12.17 -12.89
N ASP B 149 -10.50 -11.51 -11.91
CA ASP B 149 -11.94 -11.63 -11.73
C ASP B 149 -12.60 -10.57 -12.61
N GLU B 150 -13.92 -10.48 -12.53
CA GLU B 150 -14.68 -9.54 -13.36
C GLU B 150 -14.28 -8.07 -13.27
N LYS B 151 -13.64 -7.67 -12.16
CA LYS B 151 -13.25 -6.28 -12.01
C LYS B 151 -11.76 -5.99 -12.10
N GLY B 152 -11.02 -6.91 -12.71
CA GLY B 152 -9.59 -6.72 -12.87
C GLY B 152 -8.74 -7.03 -11.64
N ARG B 153 -9.31 -7.79 -10.71
CA ARG B 153 -8.61 -8.15 -9.50
C ARG B 153 -8.08 -9.57 -9.62
N PRO B 154 -6.93 -9.86 -8.98
CA PRO B 154 -6.42 -11.22 -9.09
C PRO B 154 -7.48 -12.17 -8.53
N LYS B 155 -7.62 -13.33 -9.13
CA LYS B 155 -8.62 -14.29 -8.66
C LYS B 155 -8.35 -14.70 -7.22
N PRO B 156 -9.35 -15.28 -6.55
CA PRO B 156 -9.27 -15.73 -5.15
C PRO B 156 -7.98 -16.46 -4.75
N GLY B 157 -7.29 -15.89 -3.76
CA GLY B 157 -6.06 -16.48 -3.25
C GLY B 157 -4.87 -16.51 -4.19
N LEU B 158 -4.93 -15.72 -5.26
CA LEU B 158 -3.84 -15.71 -6.23
C LEU B 158 -2.72 -14.70 -5.94
N ALA B 159 -3.08 -13.55 -5.37
CA ALA B 159 -2.09 -12.52 -5.10
C ALA B 159 -0.94 -12.92 -4.18
N LEU B 160 0.24 -12.41 -4.49
CA LEU B 160 1.41 -12.66 -3.67
C LEU B 160 1.40 -11.58 -2.59
N LEU B 161 1.53 -11.98 -1.34
CA LEU B 161 1.55 -11.03 -0.23
C LEU B 161 2.92 -11.05 0.42
N TYR B 162 3.41 -9.89 0.83
CA TYR B 162 4.70 -9.81 1.49
C TYR B 162 4.49 -9.30 2.92
N TYR B 163 5.04 -10.04 3.89
CA TYR B 163 4.92 -9.69 5.30
C TYR B 163 6.13 -8.94 5.85
N GLY B 164 7.20 -8.87 5.07
CA GLY B 164 8.40 -8.20 5.53
C GLY B 164 9.46 -9.23 5.91
N LYS B 165 10.72 -8.80 5.86
CA LYS B 165 11.86 -9.66 6.20
C LYS B 165 11.84 -11.04 5.54
N GLY B 166 11.58 -11.07 4.24
CA GLY B 166 11.59 -12.29 3.47
C GLY B 166 10.48 -13.31 3.67
N LEU B 167 9.38 -12.89 4.29
CA LEU B 167 8.26 -13.79 4.54
C LEU B 167 7.10 -13.42 3.62
N TYR B 168 6.56 -14.41 2.91
CA TYR B 168 5.46 -14.18 1.99
C TYR B 168 4.24 -15.02 2.31
N GLY B 169 3.13 -14.67 1.68
CA GLY B 169 1.90 -15.39 1.88
C GLY B 169 0.98 -15.18 0.70
N ARG B 170 -0.30 -15.45 0.90
CA ARG B 170 -1.29 -15.28 -0.14
C ARG B 170 -2.64 -15.07 0.56
N PRO B 171 -3.63 -14.54 -0.17
CA PRO B 171 -4.94 -14.34 0.47
C PRO B 171 -5.68 -15.66 0.60
N ALA B 172 -6.60 -15.73 1.56
CA ALA B 172 -7.41 -16.93 1.71
C ALA B 172 -8.35 -16.86 0.50
N GLU B 173 -8.89 -18.00 0.06
CA GLU B 173 -9.76 -17.97 -1.11
C GLU B 173 -11.15 -17.38 -0.87
N GLU B 174 -11.63 -17.40 0.37
CA GLU B 174 -12.95 -16.87 0.64
C GLU B 174 -12.95 -15.35 0.81
N THR B 175 -13.99 -14.70 0.28
CA THR B 175 -14.13 -13.26 0.37
C THR B 175 -15.50 -12.95 0.96
N PHE B 176 -15.66 -11.75 1.49
CA PHE B 176 -16.91 -11.35 2.14
C PHE B 176 -17.37 -9.97 1.68
N ALA B 177 -18.68 -9.81 1.53
CA ALA B 177 -19.26 -8.54 1.10
C ALA B 177 -20.28 -8.04 2.14
N PRO B 178 -19.81 -7.27 3.13
CA PRO B 178 -20.65 -6.71 4.20
C PRO B 178 -21.82 -5.90 3.66
#